data_2C8J
#
_entry.id   2C8J
#
_cell.length_a   49.931
_cell.length_b   109.927
_cell.length_c   59.404
_cell.angle_alpha   90.00
_cell.angle_beta   90.12
_cell.angle_gamma   90.00
#
_symmetry.space_group_name_H-M   'P 1 21 1'
#
loop_
_entity.id
_entity.type
_entity.pdbx_description
1 polymer 'FERROCHELATASE 1'
2 water water
#
_entity_poly.entity_id   1
_entity_poly.type   'polypeptide(L)'
_entity_poly.pdbx_seq_one_letter_code
;MKKKIGLLVMAYGTPYKEEDIERYYTHIRRGRKPSPEMLEDLTERYRAIGGISPLATITLEQAKKLEKRLNEVQDEVEYH
MYLGLKHIEPFIEDAVKEMHNDGIQDAIALVLAPHYSTFSVKSYVGRAQEEAEKLGNLTIHGIDSWYKEPKFIQYWVDAV
KSIYSGMSDAEREKAVLIVSAHSLPEKIIAMGDPYPDQLNETADYIARGAEVANYAVGWQSAGNTPDPWIGPDVQDLTRE
LNEKYGYTSFVYAPVGFVAEHLEVLYDNDFECKVVTDEIGAKYYRPEMPNASDAFIDCLTDVVVKKKESVM
;
_entity_poly.pdbx_strand_id   A,B
#
# COMPACT_ATOMS: atom_id res chain seq x y z
N MET A 1 31.41 19.72 -21.69
CA MET A 1 31.53 20.59 -20.45
C MET A 1 30.31 20.42 -19.53
N LYS A 2 29.09 20.67 -20.07
CA LYS A 2 27.81 20.53 -19.23
C LYS A 2 27.55 19.09 -18.75
N LYS A 3 27.70 18.81 -17.42
CA LYS A 3 27.43 17.49 -16.87
C LYS A 3 25.92 17.33 -16.97
N LYS A 4 25.48 16.27 -17.64
CA LYS A 4 24.05 15.99 -17.76
C LYS A 4 23.55 15.35 -16.48
N ILE A 5 22.71 16.07 -15.75
CA ILE A 5 22.12 15.58 -14.52
C ILE A 5 20.61 15.45 -14.68
N GLY A 6 20.07 14.31 -14.28
CA GLY A 6 18.62 14.10 -14.31
C GLY A 6 17.94 14.82 -13.17
N LEU A 7 16.80 15.43 -13.46
CA LEU A 7 16.00 16.05 -12.42
C LEU A 7 14.66 15.35 -12.30
N LEU A 8 14.53 14.50 -11.28
CA LEU A 8 13.32 13.75 -11.03
C LEU A 8 12.39 14.53 -10.10
N VAL A 9 11.33 15.09 -10.66
CA VAL A 9 10.35 15.84 -9.87
C VAL A 9 9.11 14.97 -9.60
N MET A 10 8.74 14.84 -8.32
CA MET A 10 7.68 13.91 -7.94
C MET A 10 6.53 14.55 -7.16
N ALA A 11 5.33 13.97 -7.31
CA ALA A 11 4.12 14.42 -6.63
C ALA A 11 3.08 13.30 -6.59
N TYR A 12 1.96 13.58 -5.94
CA TYR A 12 0.90 12.61 -5.69
C TYR A 12 0.14 12.29 -6.98
N GLY A 13 -0.11 13.34 -7.78
CA GLY A 13 -0.91 13.23 -8.99
C GLY A 13 -2.36 13.67 -8.78
N THR A 14 -3.05 13.91 -9.89
CA THR A 14 -4.42 14.44 -9.87
C THR A 14 -5.09 14.07 -11.21
N PRO A 15 -6.42 13.82 -11.20
CA PRO A 15 -7.06 13.43 -12.47
C PRO A 15 -6.93 14.52 -13.55
N TYR A 16 -6.70 14.11 -14.80
CA TYR A 16 -6.63 15.07 -15.91
C TYR A 16 -8.01 15.42 -16.44
N LYS A 17 -8.85 14.40 -16.60
CA LYS A 17 -10.24 14.57 -16.98
C LYS A 17 -11.15 13.97 -15.90
N GLU A 18 -12.47 14.01 -16.15
CA GLU A 18 -13.44 13.47 -15.20
C GLU A 18 -13.44 11.94 -15.21
N GLU A 19 -13.24 11.36 -16.40
CA GLU A 19 -13.16 9.91 -16.56
C GLU A 19 -11.83 9.30 -16.10
N ASP A 20 -11.03 10.09 -15.39
CA ASP A 20 -9.82 9.60 -14.74
C ASP A 20 -10.07 9.34 -13.26
N ILE A 21 -11.05 10.05 -12.71
CA ILE A 21 -11.40 9.99 -11.28
C ILE A 21 -11.52 8.55 -10.76
N GLU A 22 -12.16 7.69 -11.53
CA GLU A 22 -12.39 6.30 -11.15
C GLU A 22 -11.08 5.52 -10.99
N ARG A 23 -10.30 5.45 -12.07
CA ARG A 23 -9.02 4.72 -12.06
C ARG A 23 -7.94 5.36 -11.16
N TYR A 24 -8.09 6.65 -10.88
CA TYR A 24 -7.24 7.39 -9.95
C TYR A 24 -7.54 6.94 -8.51
N TYR A 25 -8.83 6.96 -8.15
CA TYR A 25 -9.31 6.48 -6.85
C TYR A 25 -8.98 5.00 -6.66
N THR A 26 -9.09 4.23 -7.75
CA THR A 26 -8.78 2.80 -7.74
C THR A 26 -7.31 2.55 -7.38
N HIS A 27 -6.39 3.24 -8.07
CA HIS A 27 -4.95 3.16 -7.76
C HIS A 27 -4.65 3.50 -6.30
N ILE A 28 -5.18 4.64 -5.84
CA ILE A 28 -5.10 5.07 -4.45
C ILE A 28 -5.58 4.01 -3.45
N ARG A 29 -6.61 3.23 -3.81
CA ARG A 29 -7.16 2.19 -2.94
C ARG A 29 -6.49 0.82 -3.15
N ARG A 30 -5.24 0.83 -3.63
CA ARG A 30 -4.45 -0.37 -3.88
C ARG A 30 -5.05 -1.27 -4.97
N GLY A 31 -5.75 -0.64 -5.92
CA GLY A 31 -6.40 -1.36 -7.01
C GLY A 31 -7.83 -1.76 -6.72
N ARG A 32 -8.33 -1.38 -5.55
CA ARG A 32 -9.68 -1.70 -5.11
C ARG A 32 -10.62 -0.63 -5.63
N LYS A 33 -11.47 -0.99 -6.60
CA LYS A 33 -12.44 -0.05 -7.17
C LYS A 33 -13.35 0.53 -6.08
N PRO A 34 -13.60 1.86 -6.12
CA PRO A 34 -14.52 2.50 -5.19
C PRO A 34 -15.99 2.21 -5.51
N SER A 35 -16.84 2.22 -4.48
CA SER A 35 -18.29 2.02 -4.64
C SER A 35 -18.95 3.26 -5.25
N PRO A 36 -20.19 3.09 -5.79
CA PRO A 36 -20.96 4.21 -6.34
C PRO A 36 -21.07 5.39 -5.38
N GLU A 37 -21.35 5.11 -4.11
CA GLU A 37 -21.46 6.14 -3.08
C GLU A 37 -20.19 7.00 -2.93
N MET A 38 -19.03 6.34 -2.81
CA MET A 38 -17.75 7.05 -2.61
C MET A 38 -17.32 7.81 -3.87
N LEU A 39 -17.68 7.26 -5.03
CA LEU A 39 -17.34 7.86 -6.30
C LEU A 39 -18.11 9.16 -6.52
N GLU A 40 -19.42 9.12 -6.26
CA GLU A 40 -20.27 10.29 -6.34
C GLU A 40 -19.86 11.43 -5.39
N ASP A 41 -19.40 11.08 -4.20
CA ASP A 41 -18.89 12.06 -3.23
C ASP A 41 -17.63 12.73 -3.77
N LEU A 42 -16.69 11.92 -4.23
CA LEU A 42 -15.44 12.42 -4.81
C LEU A 42 -15.75 13.33 -6.00
N THR A 43 -16.52 12.82 -6.95
CA THR A 43 -16.99 13.59 -8.11
C THR A 43 -17.66 14.91 -7.69
N GLU A 44 -18.54 14.86 -6.69
CA GLU A 44 -19.18 16.08 -6.18
C GLU A 44 -18.21 17.12 -5.60
N ARG A 45 -17.19 16.68 -4.88
CA ARG A 45 -16.18 17.59 -4.31
C ARG A 45 -15.41 18.35 -5.39
N TYR A 46 -15.10 17.66 -6.49
CA TYR A 46 -14.45 18.28 -7.63
C TYR A 46 -15.36 19.30 -8.35
N ARG A 47 -16.63 18.96 -8.57
CA ARG A 47 -17.62 19.91 -9.09
C ARG A 47 -17.69 21.19 -8.23
N ALA A 48 -17.67 21.02 -6.91
CA ALA A 48 -17.81 22.13 -5.95
C ALA A 48 -16.67 23.15 -6.01
N ILE A 49 -15.45 22.68 -6.25
CA ILE A 49 -14.26 23.53 -6.35
C ILE A 49 -13.96 24.03 -7.78
N GLY A 50 -14.91 23.85 -8.69
CA GLY A 50 -14.82 24.44 -10.02
C GLY A 50 -14.10 23.62 -11.07
N GLY A 51 -14.03 22.31 -10.85
CA GLY A 51 -13.53 21.40 -11.88
C GLY A 51 -12.13 20.86 -11.67
N ILE A 52 -11.86 19.76 -12.38
CA ILE A 52 -10.65 18.96 -12.17
C ILE A 52 -9.48 19.39 -13.06
N SER A 53 -9.80 20.00 -14.19
CA SER A 53 -8.79 20.37 -15.20
C SER A 53 -7.80 21.49 -14.84
N PRO A 54 -8.26 22.57 -14.15
CA PRO A 54 -7.29 23.63 -13.79
C PRO A 54 -6.23 23.15 -12.81
N LEU A 55 -6.59 22.18 -11.96
CA LEU A 55 -5.69 21.62 -10.96
C LEU A 55 -4.56 20.81 -11.57
N ALA A 56 -4.83 20.23 -12.73
CA ALA A 56 -3.92 19.27 -13.37
C ALA A 56 -2.62 19.86 -13.94
N THR A 57 -2.65 21.13 -14.33
CA THR A 57 -1.51 21.74 -15.03
C THR A 57 -0.45 22.37 -14.11
N ILE A 58 -0.80 22.58 -12.84
CA ILE A 58 0.09 23.25 -11.86
C ILE A 58 1.38 22.48 -11.62
N THR A 59 1.27 21.17 -11.40
CA THR A 59 2.42 20.31 -11.12
C THR A 59 3.45 20.31 -12.26
N LEU A 60 2.97 20.07 -13.48
CA LEU A 60 3.84 20.06 -14.66
C LEU A 60 4.50 21.41 -14.91
N GLU A 61 3.75 22.49 -14.73
CA GLU A 61 4.27 23.85 -14.84
C GLU A 61 5.40 24.11 -13.85
N GLN A 62 5.20 23.71 -12.59
CA GLN A 62 6.23 23.81 -11.55
C GLN A 62 7.52 23.12 -12.00
N ALA A 63 7.38 21.86 -12.42
CA ALA A 63 8.49 21.08 -12.91
C ALA A 63 9.21 21.80 -14.07
N LYS A 64 8.43 22.22 -15.08
CA LYS A 64 9.01 22.79 -16.31
C LYS A 64 9.70 24.13 -16.10
N LYS A 65 9.08 25.01 -15.29
CA LYS A 65 9.68 26.31 -14.98
C LYS A 65 10.97 26.13 -14.19
N LEU A 66 10.98 25.13 -13.30
CA LEU A 66 12.18 24.79 -12.53
C LEU A 66 13.34 24.35 -13.45
N GLU A 67 13.05 23.43 -14.36
CA GLU A 67 14.04 23.00 -15.36
C GLU A 67 14.67 24.18 -16.09
N LYS A 68 13.84 25.13 -16.52
CA LYS A 68 14.32 26.31 -17.25
C LYS A 68 15.15 27.24 -16.38
N ARG A 69 14.66 27.53 -15.16
CA ARG A 69 15.35 28.45 -14.25
C ARG A 69 16.73 27.89 -13.84
N LEU A 70 16.80 26.59 -13.63
CA LEU A 70 18.06 25.93 -13.25
C LEU A 70 19.16 26.08 -14.29
N ASN A 71 18.82 25.86 -15.56
CA ASN A 71 19.81 25.96 -16.65
C ASN A 71 20.18 27.39 -17.04
N GLU A 72 19.48 28.36 -16.44
CA GLU A 72 19.75 29.79 -16.62
C GLU A 72 20.70 30.33 -15.54
N VAL A 73 20.42 29.99 -14.28
CA VAL A 73 21.16 30.57 -13.16
C VAL A 73 22.59 30.04 -13.00
N GLN A 74 22.93 28.99 -13.76
CA GLN A 74 24.28 28.39 -13.72
C GLN A 74 24.72 27.80 -15.05
N ASP A 75 26.02 27.82 -15.31
CA ASP A 75 26.60 27.33 -16.55
C ASP A 75 27.20 25.93 -16.44
N GLU A 76 27.34 25.44 -15.21
CA GLU A 76 28.17 24.25 -14.96
C GLU A 76 27.51 22.92 -15.37
N VAL A 77 26.20 22.84 -15.14
CA VAL A 77 25.45 21.60 -15.34
C VAL A 77 24.19 21.82 -16.19
N GLU A 78 23.90 20.85 -17.05
CA GLU A 78 22.63 20.80 -17.77
C GLU A 78 21.67 19.87 -17.02
N TYR A 79 20.52 20.42 -16.62
CA TYR A 79 19.49 19.66 -15.94
C TYR A 79 18.44 19.18 -16.94
N HIS A 80 18.17 17.88 -16.91
CA HIS A 80 17.13 17.27 -17.75
C HIS A 80 16.03 16.76 -16.84
N MET A 81 14.84 17.36 -16.93
CA MET A 81 13.73 17.09 -16.03
C MET A 81 12.87 15.89 -16.47
N TYR A 82 12.41 15.14 -15.47
CA TYR A 82 11.49 14.03 -15.68
C TYR A 82 10.47 14.09 -14.54
N LEU A 83 9.18 13.99 -14.89
CA LEU A 83 8.09 14.04 -13.91
C LEU A 83 7.54 12.65 -13.63
N GLY A 84 7.51 12.27 -12.35
CA GLY A 84 6.95 10.98 -11.94
C GLY A 84 5.87 11.16 -10.89
N LEU A 85 4.66 10.69 -11.19
CA LEU A 85 3.54 10.81 -10.24
C LEU A 85 3.25 9.45 -9.60
N LYS A 86 2.67 9.49 -8.41
CA LYS A 86 2.38 8.26 -7.67
C LYS A 86 1.15 7.52 -8.21
N HIS A 87 0.04 8.24 -8.39
CA HIS A 87 -1.24 7.57 -8.65
C HIS A 87 -1.81 7.76 -10.05
N ILE A 88 -1.03 8.35 -10.95
CA ILE A 88 -1.45 8.54 -12.36
C ILE A 88 -0.25 8.76 -13.31
N GLU A 89 -0.48 8.56 -14.60
CA GLU A 89 0.56 8.77 -15.62
C GLU A 89 0.97 10.25 -15.66
N PRO A 90 2.28 10.53 -15.87
CA PRO A 90 3.38 9.57 -15.99
C PRO A 90 3.82 9.05 -14.61
N PHE A 91 3.71 7.74 -14.42
CA PHE A 91 4.07 7.13 -13.14
C PHE A 91 5.58 7.24 -12.90
N ILE A 92 5.97 7.24 -11.62
CA ILE A 92 7.37 7.32 -11.22
C ILE A 92 8.28 6.35 -11.97
N GLU A 93 7.79 5.12 -12.15
CA GLU A 93 8.56 4.04 -12.75
C GLU A 93 8.79 4.26 -14.24
N ASP A 94 7.80 4.84 -14.91
CA ASP A 94 7.91 5.18 -16.33
C ASP A 94 8.79 6.41 -16.55
N ALA A 95 8.87 7.27 -15.55
CA ALA A 95 9.77 8.44 -15.57
C ALA A 95 11.23 8.02 -15.44
N VAL A 96 11.53 7.13 -14.48
CA VAL A 96 12.91 6.68 -14.23
C VAL A 96 13.38 5.78 -15.37
N LYS A 97 12.43 5.17 -16.07
CA LYS A 97 12.70 4.32 -17.21
C LYS A 97 13.18 5.15 -18.40
N GLU A 98 12.53 6.30 -18.59
CA GLU A 98 12.91 7.25 -19.63
C GLU A 98 14.30 7.82 -19.36
N MET A 99 14.54 8.13 -18.09
CA MET A 99 15.81 8.66 -17.60
C MET A 99 16.95 7.69 -17.88
N HIS A 100 16.68 6.40 -17.72
CA HIS A 100 17.61 5.32 -18.03
C HIS A 100 17.95 5.22 -19.53
N ASN A 101 16.91 5.27 -20.37
CA ASN A 101 17.06 5.21 -21.82
C ASN A 101 17.84 6.39 -22.42
N ASP A 102 17.76 7.55 -21.77
CA ASP A 102 18.45 8.76 -22.21
C ASP A 102 19.93 8.81 -21.80
N GLY A 103 20.35 7.83 -20.96
CA GLY A 103 21.74 7.71 -20.52
C GLY A 103 22.08 8.41 -19.22
N ILE A 104 21.09 9.03 -18.59
CA ILE A 104 21.28 9.73 -17.31
C ILE A 104 21.86 8.78 -16.25
N GLN A 105 23.02 9.19 -15.68
CA GLN A 105 23.78 8.36 -14.74
C GLN A 105 23.55 8.76 -13.28
N ASP A 106 23.30 10.05 -13.06
CA ASP A 106 22.98 10.57 -11.73
C ASP A 106 21.77 11.49 -11.84
N ALA A 107 20.85 11.36 -10.91
CA ALA A 107 19.65 12.16 -10.89
C ALA A 107 19.36 12.69 -9.50
N ILE A 108 18.90 13.93 -9.43
CA ILE A 108 18.52 14.53 -8.16
C ILE A 108 16.99 14.44 -8.06
N ALA A 109 16.52 13.86 -6.96
CA ALA A 109 15.08 13.68 -6.76
C ALA A 109 14.53 14.75 -5.84
N LEU A 110 13.49 15.45 -6.32
CA LEU A 110 12.81 16.46 -5.53
C LEU A 110 11.32 16.16 -5.40
N VAL A 111 10.88 15.94 -4.16
CA VAL A 111 9.45 15.82 -3.84
C VAL A 111 8.82 17.22 -3.68
N LEU A 112 7.63 17.38 -4.25
CA LEU A 112 6.91 18.65 -4.16
C LEU A 112 6.09 18.72 -2.86
N ALA A 113 6.82 18.66 -1.75
CA ALA A 113 6.30 18.76 -0.40
C ALA A 113 7.52 19.02 0.48
N PRO A 114 7.49 20.12 1.26
CA PRO A 114 8.69 20.61 1.91
C PRO A 114 9.21 19.72 3.04
N HIS A 115 8.32 18.94 3.67
CA HIS A 115 8.65 18.20 4.88
C HIS A 115 9.01 16.73 4.66
N TYR A 116 9.97 16.26 5.44
CA TYR A 116 10.29 14.84 5.52
C TYR A 116 9.18 14.09 6.26
N SER A 117 8.85 12.90 5.75
CA SER A 117 8.08 11.90 6.49
C SER A 117 8.46 10.55 5.92
N THR A 118 8.22 9.49 6.69
CA THR A 118 8.51 8.14 6.21
C THR A 118 7.63 7.78 5.01
N PHE A 119 6.38 8.25 5.05
CA PHE A 119 5.46 8.09 3.93
C PHE A 119 6.04 8.64 2.63
N SER A 120 6.49 9.90 2.67
CA SER A 120 7.07 10.55 1.50
C SER A 120 8.31 9.81 0.99
N VAL A 121 9.26 9.54 1.87
CA VAL A 121 10.49 8.83 1.51
C VAL A 121 10.24 7.49 0.80
N LYS A 122 9.31 6.70 1.34
CA LYS A 122 9.02 5.38 0.78
C LYS A 122 8.11 5.49 -0.45
N SER A 123 7.23 6.48 -0.46
CA SER A 123 6.32 6.72 -1.58
C SER A 123 7.04 7.17 -2.84
N TYR A 124 8.06 8.01 -2.66
CA TYR A 124 8.69 8.71 -3.78
C TYR A 124 10.12 8.24 -4.00
N VAL A 125 11.05 8.80 -3.22
CA VAL A 125 12.49 8.52 -3.36
C VAL A 125 12.80 7.02 -3.32
N GLY A 126 12.26 6.32 -2.33
CA GLY A 126 12.45 4.88 -2.17
C GLY A 126 11.89 4.07 -3.33
N ARG A 127 10.74 4.51 -3.85
CA ARG A 127 10.09 3.85 -4.98
C ARG A 127 10.91 4.04 -6.26
N ALA A 128 11.44 5.25 -6.42
CA ALA A 128 12.31 5.60 -7.54
C ALA A 128 13.63 4.81 -7.54
N GLN A 129 14.20 4.62 -6.35
CA GLN A 129 15.46 3.90 -6.20
C GLN A 129 15.34 2.39 -6.41
N GLU A 130 14.12 1.87 -6.37
CA GLU A 130 13.84 0.45 -6.60
C GLU A 130 13.94 0.08 -8.08
N GLU A 131 13.67 1.04 -8.96
CA GLU A 131 13.84 0.83 -10.39
C GLU A 131 15.26 1.16 -10.82
N ALA A 132 15.84 2.18 -10.18
CA ALA A 132 17.23 2.59 -10.40
C ALA A 132 18.22 1.42 -10.23
N GLU A 133 17.97 0.57 -9.24
CA GLU A 133 18.81 -0.61 -8.99
C GLU A 133 18.44 -1.78 -9.89
N LYS A 134 17.17 -1.84 -10.26
CA LYS A 134 16.63 -2.88 -11.13
C LYS A 134 17.20 -2.80 -12.54
N LEU A 135 17.47 -1.57 -12.99
CA LEU A 135 17.95 -1.31 -14.35
C LEU A 135 19.47 -1.16 -14.43
N GLY A 136 20.07 -0.70 -13.33
CA GLY A 136 21.53 -0.62 -13.21
C GLY A 136 22.15 0.66 -13.74
N ASN A 137 23.25 1.08 -13.10
CA ASN A 137 24.05 2.25 -13.49
C ASN A 137 23.38 3.63 -13.32
N LEU A 138 22.31 3.68 -12.52
CA LEU A 138 21.63 4.95 -12.24
C LEU A 138 21.52 5.18 -10.73
N THR A 139 22.14 6.27 -10.27
CA THR A 139 22.13 6.63 -8.85
C THR A 139 21.24 7.85 -8.61
N ILE A 140 20.18 7.65 -7.85
CA ILE A 140 19.23 8.72 -7.53
C ILE A 140 19.52 9.30 -6.15
N HIS A 141 19.78 10.61 -6.11
CA HIS A 141 20.08 11.29 -4.85
C HIS A 141 18.84 12.02 -4.37
N GLY A 142 18.31 11.57 -3.23
CA GLY A 142 17.08 12.11 -2.68
C GLY A 142 17.31 13.29 -1.74
N ILE A 143 16.54 14.35 -1.97
CA ILE A 143 16.46 15.48 -1.05
C ILE A 143 15.47 15.10 0.04
N ASP A 144 15.91 15.14 1.31
CA ASP A 144 15.07 14.71 2.44
C ASP A 144 13.93 15.68 2.74
N SER A 145 14.25 16.97 2.71
CA SER A 145 13.28 18.03 2.99
C SER A 145 13.85 19.37 2.53
N TRP A 146 13.02 20.40 2.52
CA TRP A 146 13.49 21.77 2.20
C TRP A 146 12.69 22.87 2.89
N TYR A 147 12.11 22.57 4.05
CA TYR A 147 11.30 23.55 4.79
C TYR A 147 12.11 24.68 5.44
N LYS A 148 13.40 24.46 5.66
CA LYS A 148 14.27 25.47 6.31
C LYS A 148 14.92 26.44 5.31
N GLU A 149 14.62 26.27 4.03
CA GLU A 149 15.17 27.09 2.95
C GLU A 149 14.64 28.53 3.02
N PRO A 150 15.57 29.52 3.15
CA PRO A 150 15.23 30.93 3.34
C PRO A 150 14.16 31.51 2.41
N LYS A 151 14.17 31.09 1.13
CA LYS A 151 13.20 31.60 0.16
C LYS A 151 11.83 30.92 0.27
N PHE A 152 11.80 29.74 0.87
CA PHE A 152 10.52 29.08 1.15
C PHE A 152 9.78 29.78 2.30
N ILE A 153 10.53 30.05 3.37
CA ILE A 153 10.00 30.74 4.54
C ILE A 153 9.62 32.17 4.18
N GLN A 154 10.46 32.85 3.38
CA GLN A 154 10.16 34.19 2.89
C GLN A 154 8.88 34.26 2.05
N TYR A 155 8.65 33.25 1.19
CA TYR A 155 7.40 33.20 0.41
C TYR A 155 6.20 33.33 1.33
N TRP A 156 6.13 32.43 2.32
CA TRP A 156 4.99 32.36 3.23
C TRP A 156 4.95 33.53 4.19
N VAL A 157 6.11 34.00 4.62
CA VAL A 157 6.15 35.21 5.43
C VAL A 157 5.51 36.37 4.65
N ASP A 158 5.94 36.55 3.40
CA ASP A 158 5.41 37.61 2.52
C ASP A 158 3.90 37.44 2.29
N ALA A 159 3.47 36.20 2.07
CA ALA A 159 2.07 35.87 1.79
C ALA A 159 1.17 36.17 2.98
N VAL A 160 1.64 35.84 4.18
CA VAL A 160 0.91 36.10 5.41
C VAL A 160 0.97 37.60 5.77
N LYS A 161 2.12 38.22 5.51
CA LYS A 161 2.28 39.68 5.71
C LYS A 161 1.18 40.48 5.02
N SER A 162 0.88 40.13 3.77
CA SER A 162 -0.14 40.83 2.99
C SER A 162 -1.47 40.90 3.75
N ILE A 163 -2.02 39.73 4.09
CA ILE A 163 -3.31 39.59 4.78
C ILE A 163 -3.36 40.33 6.12
N TYR A 164 -2.34 40.13 6.95
CA TYR A 164 -2.27 40.80 8.26
C TYR A 164 -2.15 42.33 8.16
N SER A 165 -1.49 42.83 7.12
CA SER A 165 -1.33 44.29 6.94
C SER A 165 -2.60 45.00 6.44
N GLY A 166 -3.61 44.22 6.04
CA GLY A 166 -4.90 44.75 5.63
C GLY A 166 -5.95 44.64 6.72
N MET A 167 -5.54 44.15 7.89
CA MET A 167 -6.40 44.04 9.06
C MET A 167 -6.33 45.31 9.88
N SER A 168 -7.45 45.65 10.53
CA SER A 168 -7.43 46.70 11.55
C SER A 168 -6.63 46.16 12.73
N ASP A 169 -6.02 47.06 13.51
CA ASP A 169 -5.19 46.65 14.64
C ASP A 169 -5.98 45.89 15.70
N ALA A 170 -7.28 46.18 15.78
CA ALA A 170 -8.21 45.49 16.67
C ALA A 170 -8.44 44.03 16.23
N GLU A 171 -8.73 43.83 14.94
CA GLU A 171 -8.93 42.49 14.39
C GLU A 171 -7.66 41.65 14.53
N ARG A 172 -6.51 42.27 14.30
CA ARG A 172 -5.21 41.62 14.50
C ARG A 172 -5.06 40.98 15.87
N GLU A 173 -5.60 41.64 16.90
CA GLU A 173 -5.59 41.10 18.26
C GLU A 173 -6.50 39.88 18.42
N LYS A 174 -7.52 39.78 17.55
CA LYS A 174 -8.47 38.67 17.60
C LYS A 174 -8.30 37.68 16.44
N ALA A 175 -7.09 37.64 15.88
CA ALA A 175 -6.76 36.78 14.75
C ALA A 175 -5.74 35.71 15.13
N VAL A 176 -5.82 34.55 14.47
CA VAL A 176 -4.82 33.50 14.65
C VAL A 176 -4.39 32.85 13.32
N LEU A 177 -3.09 32.63 13.19
CA LEU A 177 -2.51 31.99 12.03
C LEU A 177 -2.49 30.48 12.25
N ILE A 178 -3.20 29.75 11.39
CA ILE A 178 -3.28 28.28 11.50
C ILE A 178 -2.43 27.62 10.42
N VAL A 179 -1.37 26.95 10.88
CA VAL A 179 -0.40 26.34 9.99
C VAL A 179 -0.68 24.84 9.85
N SER A 180 -0.79 24.35 8.62
CA SER A 180 -1.20 22.95 8.45
C SER A 180 -0.46 22.13 7.40
N ALA A 181 -0.63 20.81 7.50
CA ALA A 181 -0.15 19.84 6.52
C ALA A 181 -1.03 18.60 6.55
N HIS A 182 -0.87 17.75 5.54
CA HIS A 182 -1.63 16.51 5.43
C HIS A 182 -1.32 15.63 6.64
N SER A 183 -2.37 15.05 7.22
CA SER A 183 -2.23 14.17 8.38
C SER A 183 -1.71 12.79 7.95
N LEU A 184 -1.04 12.12 8.89
CA LEU A 184 -0.60 10.73 8.70
C LEU A 184 -1.00 9.90 9.92
N PRO A 185 -1.07 8.56 9.77
CA PRO A 185 -1.35 7.70 10.94
C PRO A 185 -0.39 8.00 12.10
N GLU A 186 -0.91 8.00 13.32
CA GLU A 186 -0.12 8.33 14.52
C GLU A 186 1.05 7.37 14.82
N LYS A 187 1.10 6.24 14.11
CA LYS A 187 2.10 5.18 14.38
C LYS A 187 3.51 5.69 14.12
N ILE A 188 3.61 6.65 13.22
CA ILE A 188 4.89 7.18 12.77
C ILE A 188 5.66 7.89 13.88
N ILE A 189 4.94 8.42 14.86
CA ILE A 189 5.55 9.19 15.96
C ILE A 189 6.39 8.28 16.86
N ALA A 190 5.79 7.17 17.30
CA ALA A 190 6.51 6.14 18.04
C ALA A 190 7.69 5.59 17.25
N MET A 191 7.51 5.52 15.92
CA MET A 191 8.54 5.01 15.01
C MET A 191 9.75 5.94 14.85
N GLY A 192 9.58 7.22 15.15
CA GLY A 192 10.68 8.18 15.09
C GLY A 192 10.59 9.19 13.97
N ASP A 193 9.42 9.28 13.34
CA ASP A 193 9.19 10.22 12.24
C ASP A 193 9.07 11.67 12.75
N PRO A 194 9.99 12.55 12.30
CA PRO A 194 10.04 13.94 12.81
C PRO A 194 9.15 14.92 12.05
N TYR A 195 8.20 14.39 11.28
CA TYR A 195 7.26 15.16 10.45
C TYR A 195 6.48 16.25 11.22
N PRO A 196 5.80 15.87 12.33
CA PRO A 196 5.12 16.90 13.15
C PRO A 196 6.08 17.92 13.76
N ASP A 197 7.28 17.47 14.12
CA ASP A 197 8.34 18.36 14.61
C ASP A 197 8.80 19.38 13.55
N GLN A 198 8.94 18.93 12.30
CA GLN A 198 9.28 19.82 11.19
C GLN A 198 8.21 20.86 10.86
N LEU A 199 6.94 20.48 10.97
CA LEU A 199 5.82 21.39 10.77
C LEU A 199 5.79 22.44 11.87
N ASN A 200 6.02 22.00 13.10
CA ASN A 200 6.07 22.88 14.26
C ASN A 200 7.10 23.99 14.07
N GLU A 201 8.29 23.60 13.64
CA GLU A 201 9.38 24.51 13.34
C GLU A 201 9.05 25.47 12.19
N THR A 202 8.39 24.96 11.14
CA THR A 202 7.97 25.78 9.99
C THR A 202 7.04 26.89 10.47
N ALA A 203 6.06 26.54 11.30
CA ALA A 203 5.17 27.52 11.93
C ALA A 203 5.93 28.59 12.70
N ASP A 204 6.91 28.17 13.49
CA ASP A 204 7.75 29.09 14.30
C ASP A 204 8.51 30.11 13.44
N TYR A 205 9.07 29.66 12.31
CA TYR A 205 9.81 30.55 11.42
C TYR A 205 8.89 31.57 10.75
N ILE A 206 7.77 31.09 10.22
CA ILE A 206 6.82 31.92 9.50
C ILE A 206 6.16 32.97 10.41
N ALA A 207 5.70 32.53 11.58
CA ALA A 207 5.09 33.42 12.55
C ALA A 207 6.06 34.52 13.00
N ARG A 208 7.31 34.13 13.26
CA ARG A 208 8.35 35.04 13.72
C ARG A 208 8.69 36.11 12.67
N GLY A 209 8.93 35.68 11.43
CA GLY A 209 9.31 36.58 10.34
C GLY A 209 8.17 37.46 9.86
N ALA A 210 6.94 36.99 10.01
CA ALA A 210 5.73 37.77 9.68
C ALA A 210 5.32 38.68 10.83
N GLU A 211 5.91 38.44 12.00
CA GLU A 211 5.61 39.19 13.23
C GLU A 211 4.13 39.04 13.66
N VAL A 212 3.65 37.80 13.59
CA VAL A 212 2.28 37.45 13.97
C VAL A 212 2.25 37.00 15.43
N ALA A 213 1.38 37.66 16.21
CA ALA A 213 1.28 37.42 17.66
C ALA A 213 0.75 36.04 18.06
N ASN A 214 -0.21 35.51 17.30
CA ASN A 214 -0.86 34.25 17.62
C ASN A 214 -0.80 33.25 16.49
N TYR A 215 -0.33 32.05 16.78
CA TYR A 215 -0.36 30.96 15.81
C TYR A 215 -0.61 29.60 16.45
N ALA A 216 -0.87 28.61 15.61
CA ALA A 216 -1.15 27.24 16.02
C ALA A 216 -0.97 26.29 14.85
N VAL A 217 -0.57 25.06 15.17
CA VAL A 217 -0.39 24.02 14.16
C VAL A 217 -1.59 23.08 14.16
N GLY A 218 -2.11 22.81 12.97
CA GLY A 218 -3.22 21.90 12.76
C GLY A 218 -2.96 20.93 11.62
N TRP A 219 -3.86 19.97 11.44
CA TRP A 219 -3.71 18.94 10.42
C TRP A 219 -4.98 18.81 9.58
N GLN A 220 -4.86 18.26 8.38
CA GLN A 220 -6.01 18.10 7.50
C GLN A 220 -5.91 16.88 6.59
N SER A 221 -7.05 16.50 6.00
CA SER A 221 -7.15 15.51 4.92
C SER A 221 -6.87 14.08 5.38
N ALA A 222 -7.06 13.82 6.67
CA ALA A 222 -6.82 12.49 7.25
C ALA A 222 -7.71 11.43 6.63
N GLY A 223 -7.12 10.27 6.37
CA GLY A 223 -7.81 9.17 5.73
C GLY A 223 -8.82 8.48 6.63
N ASN A 224 -9.36 7.37 6.12
CA ASN A 224 -10.41 6.64 6.83
C ASN A 224 -9.97 5.22 7.19
N THR A 225 -9.38 5.09 8.37
CA THR A 225 -8.82 3.81 8.85
C THR A 225 -9.27 3.59 10.31
N PRO A 226 -9.14 2.34 10.81
CA PRO A 226 -9.42 2.15 12.24
C PRO A 226 -8.34 2.83 13.10
N ASP A 227 -7.12 2.88 12.57
CA ASP A 227 -6.00 3.54 13.21
C ASP A 227 -6.18 5.05 13.24
N PRO A 228 -5.91 5.67 14.41
CA PRO A 228 -5.99 7.14 14.53
C PRO A 228 -4.91 7.86 13.72
N TRP A 229 -5.28 9.02 13.19
CA TRP A 229 -4.36 9.90 12.45
C TRP A 229 -3.94 11.08 13.32
N ILE A 230 -2.80 11.70 13.00
CA ILE A 230 -2.32 12.87 13.76
C ILE A 230 -3.36 13.99 13.75
N GLY A 231 -3.65 14.50 14.95
CA GLY A 231 -4.54 15.63 15.14
C GLY A 231 -3.85 16.72 15.95
N PRO A 232 -4.57 17.83 16.22
CA PRO A 232 -5.99 17.99 15.90
C PRO A 232 -6.21 18.39 14.44
N ASP A 233 -7.35 17.96 13.89
CA ASP A 233 -7.80 18.40 12.59
C ASP A 233 -8.17 19.89 12.58
N VAL A 234 -7.91 20.57 11.47
CA VAL A 234 -8.15 22.02 11.34
C VAL A 234 -9.59 22.47 11.67
N GLN A 235 -10.57 21.63 11.35
CA GLN A 235 -11.98 21.94 11.60
C GLN A 235 -12.27 21.96 13.10
N ASP A 236 -11.75 20.97 13.82
CA ASP A 236 -11.91 20.90 15.27
C ASP A 236 -11.08 21.97 15.97
N LEU A 237 -9.84 22.16 15.52
CA LEU A 237 -8.93 23.16 16.09
C LEU A 237 -9.48 24.58 16.05
N THR A 238 -10.20 24.91 14.98
CA THR A 238 -10.84 26.22 14.83
C THR A 238 -11.84 26.49 15.96
N ARG A 239 -12.68 25.49 16.25
CA ARG A 239 -13.67 25.59 17.32
C ARG A 239 -13.04 25.73 18.71
N GLU A 240 -11.98 24.96 18.95
CA GLU A 240 -11.29 24.94 20.25
C GLU A 240 -10.67 26.30 20.58
N LEU A 241 -9.88 26.84 19.65
CA LEU A 241 -9.20 28.13 19.83
C LEU A 241 -10.14 29.33 19.89
N ASN A 242 -11.27 29.25 19.18
CA ASN A 242 -12.31 30.27 19.28
C ASN A 242 -12.98 30.22 20.67
N GLU A 243 -13.11 29.01 21.20
CA GLU A 243 -13.75 28.81 22.51
C GLU A 243 -12.92 29.39 23.66
N LYS A 244 -11.72 28.80 23.91
CA LYS A 244 -10.89 29.24 25.04
C LYS A 244 -10.13 30.59 24.76
N TYR A 245 -9.93 30.96 23.48
CA TYR A 245 -9.15 32.19 23.17
C TYR A 245 -9.95 33.32 22.45
N GLY A 246 -11.11 32.94 21.89
CA GLY A 246 -12.00 33.95 21.30
C GLY A 246 -11.48 34.60 20.04
N TYR A 247 -10.84 33.82 19.18
CA TYR A 247 -10.40 34.29 17.88
C TYR A 247 -11.61 34.48 16.96
N THR A 248 -11.70 35.65 16.34
CA THR A 248 -12.79 35.95 15.41
C THR A 248 -12.28 36.04 13.98
N SER A 249 -11.01 35.67 13.80
CA SER A 249 -10.41 35.61 12.49
C SER A 249 -9.34 34.52 12.44
N PHE A 250 -9.33 33.78 11.33
CA PHE A 250 -8.45 32.63 11.18
C PHE A 250 -7.78 32.68 9.81
N VAL A 251 -6.45 32.62 9.80
CA VAL A 251 -5.67 32.68 8.55
C VAL A 251 -5.03 31.32 8.31
N TYR A 252 -5.50 30.64 7.27
CA TYR A 252 -5.06 29.28 6.99
C TYR A 252 -3.87 29.27 6.04
N ALA A 253 -2.74 28.78 6.56
CA ALA A 253 -1.53 28.60 5.77
C ALA A 253 -1.19 27.10 5.67
N PRO A 254 -1.74 26.40 4.66
CA PRO A 254 -1.59 24.96 4.41
C PRO A 254 -0.22 24.64 3.85
N VAL A 255 0.77 24.91 4.68
CA VAL A 255 2.20 24.90 4.36
C VAL A 255 2.78 23.55 3.86
N GLY A 256 2.08 22.43 4.16
CA GLY A 256 2.49 21.13 3.62
C GLY A 256 2.27 20.98 2.12
N PHE A 257 1.40 21.82 1.58
CA PHE A 257 1.05 21.78 0.17
C PHE A 257 1.68 22.92 -0.58
N VAL A 258 2.02 22.66 -1.84
CA VAL A 258 2.67 23.65 -2.69
C VAL A 258 1.73 24.19 -3.77
N ALA A 259 0.52 23.66 -3.81
CA ALA A 259 -0.43 23.95 -4.88
C ALA A 259 -1.88 23.89 -4.43
N GLU A 260 -2.71 24.68 -5.09
CA GLU A 260 -4.16 24.67 -4.92
C GLU A 260 -4.74 23.42 -5.59
N HIS A 261 -4.74 22.33 -4.83
CA HIS A 261 -5.33 21.07 -5.28
C HIS A 261 -6.62 20.86 -4.49
N LEU A 262 -7.21 19.67 -4.63
CA LEU A 262 -8.44 19.33 -3.90
C LEU A 262 -8.34 19.55 -2.38
N GLU A 263 -7.16 19.26 -1.82
CA GLU A 263 -6.95 19.38 -0.37
C GLU A 263 -7.04 20.81 0.13
N VAL A 264 -6.59 21.77 -0.69
CA VAL A 264 -6.68 23.19 -0.31
C VAL A 264 -8.05 23.80 -0.63
N LEU A 265 -8.50 23.58 -1.86
CA LEU A 265 -9.74 24.16 -2.37
C LEU A 265 -10.99 23.61 -1.68
N TYR A 266 -10.93 22.36 -1.24
CA TYR A 266 -12.05 21.80 -0.49
C TYR A 266 -11.83 21.76 1.01
N ASP A 267 -10.75 21.08 1.43
CA ASP A 267 -10.51 20.85 2.85
C ASP A 267 -10.28 22.14 3.64
N ASN A 268 -9.72 23.17 3.00
CA ASN A 268 -9.64 24.51 3.59
C ASN A 268 -10.79 25.41 3.14
N ASP A 269 -10.76 25.85 1.89
CA ASP A 269 -11.72 26.84 1.37
C ASP A 269 -13.19 26.51 1.53
N PHE A 270 -13.53 25.22 1.50
CA PHE A 270 -14.90 24.81 1.74
C PHE A 270 -15.09 24.50 3.23
N GLU A 271 -14.48 23.40 3.69
CA GLU A 271 -14.77 22.84 5.03
C GLU A 271 -14.41 23.73 6.21
N CYS A 272 -13.33 24.51 6.10
CA CYS A 272 -12.92 25.39 7.20
C CYS A 272 -13.80 26.64 7.28
N LYS A 273 -14.17 27.17 6.11
CA LYS A 273 -15.07 28.31 5.99
C LYS A 273 -16.43 28.00 6.65
N VAL A 274 -16.85 26.73 6.55
CA VAL A 274 -18.04 26.24 7.25
C VAL A 274 -17.91 26.46 8.76
N VAL A 275 -16.73 26.18 9.30
CA VAL A 275 -16.47 26.33 10.74
C VAL A 275 -16.49 27.80 11.12
N THR A 276 -15.82 28.64 10.33
CA THR A 276 -15.73 30.08 10.63
C THR A 276 -17.10 30.80 10.53
N ASP A 277 -17.89 30.44 9.52
CA ASP A 277 -19.24 31.01 9.33
C ASP A 277 -20.15 30.67 10.50
N GLU A 278 -19.92 29.52 11.12
CA GLU A 278 -20.66 29.07 12.30
C GLU A 278 -20.36 29.93 13.51
N ILE A 279 -19.08 30.04 13.84
CA ILE A 279 -18.64 30.71 15.07
C ILE A 279 -18.65 32.25 14.96
N GLY A 280 -19.07 32.77 13.80
CA GLY A 280 -19.15 34.20 13.55
C GLY A 280 -17.80 34.85 13.29
N ALA A 281 -16.91 34.08 12.66
CA ALA A 281 -15.51 34.47 12.45
C ALA A 281 -15.15 34.64 10.97
N LYS A 282 -14.08 35.39 10.72
CA LYS A 282 -13.62 35.66 9.37
C LYS A 282 -12.66 34.59 8.85
N TYR A 283 -12.67 34.37 7.54
CA TYR A 283 -11.84 33.37 6.88
C TYR A 283 -10.84 34.02 5.92
N TYR A 284 -9.59 33.57 6.01
CA TYR A 284 -8.53 33.99 5.10
C TYR A 284 -7.67 32.79 4.72
N ARG A 285 -7.32 32.72 3.44
CA ARG A 285 -6.45 31.69 2.92
C ARG A 285 -5.69 32.34 1.77
N PRO A 286 -4.39 32.63 1.99
CA PRO A 286 -3.54 33.28 1.00
C PRO A 286 -3.16 32.36 -0.15
N GLU A 287 -2.65 32.96 -1.22
CA GLU A 287 -2.26 32.24 -2.43
C GLU A 287 -1.26 31.13 -2.13
N MET A 288 -1.52 29.93 -2.65
CA MET A 288 -0.56 28.84 -2.61
C MET A 288 0.59 29.19 -3.54
N PRO A 289 1.78 28.59 -3.31
CA PRO A 289 2.93 28.89 -4.18
C PRO A 289 2.69 28.59 -5.65
N ASN A 290 1.99 27.48 -5.95
CA ASN A 290 1.66 27.08 -7.32
C ASN A 290 2.92 27.19 -8.18
N ALA A 291 2.83 27.81 -9.36
CA ALA A 291 3.99 27.95 -10.22
C ALA A 291 4.59 29.36 -10.22
N SER A 292 4.33 30.13 -9.16
CA SER A 292 4.84 31.51 -9.08
C SER A 292 6.36 31.54 -9.13
N ASP A 293 6.91 32.59 -9.75
CA ASP A 293 8.33 32.68 -10.02
C ASP A 293 9.20 32.70 -8.77
N ALA A 294 8.67 33.28 -7.68
CA ALA A 294 9.39 33.30 -6.42
C ALA A 294 9.47 31.90 -5.81
N PHE A 295 8.42 31.10 -6.01
CA PHE A 295 8.46 29.71 -5.59
C PHE A 295 9.47 28.89 -6.41
N ILE A 296 9.45 29.07 -7.72
CA ILE A 296 10.41 28.42 -8.61
C ILE A 296 11.86 28.76 -8.24
N ASP A 297 12.13 30.03 -7.92
CA ASP A 297 13.48 30.45 -7.49
C ASP A 297 13.92 29.79 -6.18
N CYS A 298 12.96 29.56 -5.29
CA CYS A 298 13.17 28.81 -4.06
C CYS A 298 13.60 27.37 -4.38
N LEU A 299 12.89 26.73 -5.31
CA LEU A 299 13.17 25.33 -5.69
C LEU A 299 14.49 25.19 -6.43
N THR A 300 14.85 26.24 -7.16
CA THR A 300 16.14 26.32 -7.83
C THR A 300 17.27 26.25 -6.81
N ASP A 301 17.16 27.03 -5.72
CA ASP A 301 18.16 27.02 -4.66
C ASP A 301 18.27 25.66 -3.96
N VAL A 302 17.15 25.02 -3.64
CA VAL A 302 17.20 23.72 -2.98
C VAL A 302 17.91 22.65 -3.82
N VAL A 303 17.77 22.75 -5.15
CA VAL A 303 18.42 21.82 -6.08
C VAL A 303 19.91 22.15 -6.30
N VAL A 304 20.26 23.44 -6.28
CA VAL A 304 21.67 23.84 -6.39
C VAL A 304 22.41 23.44 -5.11
N LYS A 305 21.77 23.62 -3.96
CA LYS A 305 22.32 23.20 -2.67
C LYS A 305 22.60 21.70 -2.63
N LYS A 306 21.61 20.90 -3.06
CA LYS A 306 21.73 19.45 -3.06
C LYS A 306 22.85 18.95 -3.97
N LYS A 307 22.98 19.57 -5.15
CA LYS A 307 24.04 19.23 -6.09
C LYS A 307 25.43 19.48 -5.51
N GLU A 308 25.55 20.58 -4.76
CA GLU A 308 26.81 20.97 -4.14
C GLU A 308 27.22 20.00 -3.02
N SER A 309 26.23 19.27 -2.50
CA SER A 309 26.46 18.26 -1.46
C SER A 309 26.72 16.88 -2.08
N VAL A 310 26.53 16.77 -3.39
CA VAL A 310 26.62 15.50 -4.10
C VAL A 310 27.72 15.51 -5.17
N MET A 311 28.08 16.72 -5.62
CA MET A 311 29.14 16.96 -6.62
C MET A 311 28.89 16.24 -7.96
N LYS B 2 -20.30 -10.89 28.26
CA LYS B 2 -19.36 -11.68 27.39
C LYS B 2 -19.67 -11.46 25.90
N LYS B 3 -19.15 -10.35 25.37
CA LYS B 3 -19.37 -9.97 23.98
C LYS B 3 -19.19 -11.16 23.03
N LYS B 4 -20.22 -11.41 22.22
CA LYS B 4 -20.19 -12.50 21.26
C LYS B 4 -19.83 -11.94 19.89
N ILE B 5 -18.63 -12.28 19.42
CA ILE B 5 -18.13 -11.75 18.15
C ILE B 5 -17.79 -12.87 17.17
N GLY B 6 -18.22 -12.70 15.93
CA GLY B 6 -18.03 -13.71 14.90
C GLY B 6 -16.63 -13.74 14.34
N LEU B 7 -16.14 -14.93 14.05
CA LEU B 7 -14.90 -15.08 13.33
C LEU B 7 -15.23 -15.75 12.00
N LEU B 8 -15.19 -14.97 10.93
CA LEU B 8 -15.44 -15.49 9.58
C LEU B 8 -14.12 -15.89 8.93
N VAL B 9 -13.88 -17.19 8.85
CA VAL B 9 -12.66 -17.76 8.27
C VAL B 9 -12.90 -18.19 6.81
N MET B 10 -12.06 -17.70 5.90
CA MET B 10 -12.32 -17.86 4.47
C MET B 10 -11.17 -18.46 3.67
N ALA B 11 -11.53 -19.34 2.73
CA ALA B 11 -10.57 -19.99 1.85
C ALA B 11 -11.24 -20.36 0.51
N TYR B 12 -10.45 -20.94 -0.40
CA TYR B 12 -10.90 -21.18 -1.78
C TYR B 12 -11.90 -22.32 -1.92
N GLY B 13 -11.71 -23.37 -1.12
CA GLY B 13 -12.54 -24.57 -1.20
C GLY B 13 -11.84 -25.71 -1.93
N THR B 14 -12.31 -26.93 -1.69
CA THR B 14 -11.82 -28.15 -2.38
C THR B 14 -12.90 -29.25 -2.34
N PRO B 15 -12.93 -30.14 -3.35
CA PRO B 15 -13.93 -31.23 -3.33
C PRO B 15 -13.76 -32.21 -2.16
N TYR B 16 -14.88 -32.72 -1.67
CA TYR B 16 -14.89 -33.61 -0.51
C TYR B 16 -14.80 -35.06 -0.96
N LYS B 17 -15.37 -35.34 -2.13
CA LYS B 17 -15.39 -36.68 -2.71
C LYS B 17 -15.11 -36.57 -4.21
N GLU B 18 -14.96 -37.71 -4.88
CA GLU B 18 -14.72 -37.76 -6.32
C GLU B 18 -15.95 -37.35 -7.12
N GLU B 19 -17.14 -37.57 -6.56
CA GLU B 19 -18.39 -37.16 -7.18
C GLU B 19 -18.50 -35.63 -7.34
N ASP B 20 -17.67 -34.90 -6.60
CA ASP B 20 -17.73 -33.43 -6.54
C ASP B 20 -16.87 -32.68 -7.56
N ILE B 21 -15.96 -33.38 -8.23
CA ILE B 21 -15.00 -32.73 -9.13
C ILE B 21 -15.68 -31.86 -10.20
N GLU B 22 -16.72 -32.41 -10.83
CA GLU B 22 -17.50 -31.71 -11.84
C GLU B 22 -18.06 -30.38 -11.31
N ARG B 23 -18.95 -30.45 -10.31
CA ARG B 23 -19.60 -29.26 -9.75
C ARG B 23 -18.63 -28.20 -9.20
N TYR B 24 -17.48 -28.66 -8.70
CA TYR B 24 -16.43 -27.78 -8.19
C TYR B 24 -15.77 -27.04 -9.34
N TYR B 25 -15.30 -27.80 -10.33
CA TYR B 25 -14.73 -27.25 -11.55
C TYR B 25 -15.73 -26.35 -12.28
N THR B 26 -17.02 -26.71 -12.19
CA THR B 26 -18.10 -25.95 -12.80
C THR B 26 -18.28 -24.57 -12.14
N HIS B 27 -18.26 -24.51 -10.82
CA HIS B 27 -18.38 -23.23 -10.11
C HIS B 27 -17.19 -22.31 -10.45
N ILE B 28 -15.98 -22.86 -10.42
CA ILE B 28 -14.75 -22.15 -10.79
C ILE B 28 -14.82 -21.56 -12.20
N ARG B 29 -15.30 -22.36 -13.15
CA ARG B 29 -15.48 -21.91 -14.53
C ARG B 29 -16.77 -21.11 -14.76
N ARG B 30 -17.31 -20.54 -13.68
CA ARG B 30 -18.48 -19.66 -13.69
C ARG B 30 -19.79 -20.29 -14.22
N GLY B 31 -20.07 -21.51 -13.78
CA GLY B 31 -21.30 -22.20 -14.13
C GLY B 31 -21.22 -23.12 -15.34
N ARG B 32 -20.17 -22.96 -16.13
CA ARG B 32 -19.95 -23.78 -17.31
C ARG B 32 -19.18 -25.07 -16.97
N LYS B 33 -19.78 -26.21 -17.31
CA LYS B 33 -19.14 -27.51 -17.13
C LYS B 33 -17.90 -27.64 -18.03
N PRO B 34 -16.84 -28.31 -17.52
CA PRO B 34 -15.65 -28.56 -18.34
C PRO B 34 -15.87 -29.68 -19.36
N SER B 35 -15.06 -29.68 -20.42
CA SER B 35 -15.06 -30.74 -21.42
C SER B 35 -14.54 -32.06 -20.82
N PRO B 36 -14.88 -33.20 -21.45
CA PRO B 36 -14.34 -34.51 -21.03
C PRO B 36 -12.82 -34.52 -20.84
N GLU B 37 -12.08 -33.83 -21.71
CA GLU B 37 -10.62 -33.81 -21.64
C GLU B 37 -10.10 -33.10 -20.40
N MET B 38 -10.60 -31.90 -20.13
CA MET B 38 -10.20 -31.10 -18.97
C MET B 38 -10.59 -31.80 -17.67
N LEU B 39 -11.74 -32.45 -17.68
CA LEU B 39 -12.23 -33.19 -16.53
C LEU B 39 -11.40 -34.45 -16.27
N GLU B 40 -11.01 -35.14 -17.35
CA GLU B 40 -10.17 -36.33 -17.23
C GLU B 40 -8.79 -36.01 -16.67
N ASP B 41 -8.24 -34.86 -17.08
CA ASP B 41 -6.90 -34.46 -16.63
C ASP B 41 -6.90 -34.10 -15.15
N LEU B 42 -7.94 -33.39 -14.71
CA LEU B 42 -8.05 -32.97 -13.32
C LEU B 42 -8.23 -34.16 -12.37
N THR B 43 -9.02 -35.13 -12.79
CA THR B 43 -9.21 -36.39 -12.08
C THR B 43 -7.89 -37.15 -11.90
N GLU B 44 -7.10 -37.21 -12.97
CA GLU B 44 -5.78 -37.83 -12.94
C GLU B 44 -4.80 -37.10 -12.03
N ARG B 45 -4.96 -35.78 -11.92
CA ARG B 45 -4.12 -34.95 -11.04
C ARG B 45 -4.34 -35.29 -9.57
N TYR B 46 -5.60 -35.50 -9.20
CA TYR B 46 -5.93 -35.90 -7.84
C TYR B 46 -5.49 -37.33 -7.54
N ARG B 47 -5.62 -38.21 -8.53
CA ARG B 47 -5.12 -39.59 -8.43
C ARG B 47 -3.61 -39.60 -8.18
N ALA B 48 -2.90 -38.74 -8.91
CA ALA B 48 -1.43 -38.66 -8.86
C ALA B 48 -0.88 -38.11 -7.54
N ILE B 49 -1.67 -37.32 -6.83
CA ILE B 49 -1.23 -36.79 -5.54
C ILE B 49 -1.74 -37.60 -4.34
N GLY B 50 -2.41 -38.72 -4.63
CA GLY B 50 -2.89 -39.61 -3.57
C GLY B 50 -4.33 -39.42 -3.10
N GLY B 51 -5.13 -38.71 -3.89
CA GLY B 51 -6.56 -38.61 -3.60
C GLY B 51 -7.07 -37.29 -3.06
N ILE B 52 -8.38 -37.15 -3.09
CA ILE B 52 -9.10 -35.94 -2.68
C ILE B 52 -9.34 -35.92 -1.17
N SER B 53 -9.68 -37.08 -0.63
CA SER B 53 -9.96 -37.32 0.80
C SER B 53 -9.07 -36.56 1.80
N PRO B 54 -7.73 -36.74 1.73
CA PRO B 54 -6.83 -36.08 2.68
C PRO B 54 -6.85 -34.56 2.66
N LEU B 55 -7.12 -33.98 1.49
CA LEU B 55 -7.12 -32.53 1.27
C LEU B 55 -8.28 -31.80 1.94
N ALA B 56 -9.45 -32.44 1.94
CA ALA B 56 -10.70 -31.84 2.39
C ALA B 56 -10.77 -31.48 3.88
N THR B 57 -9.89 -32.11 4.67
CA THR B 57 -9.90 -31.96 6.13
C THR B 57 -9.19 -30.69 6.65
N ILE B 58 -8.21 -30.20 5.89
CA ILE B 58 -7.29 -29.19 6.41
C ILE B 58 -7.92 -27.83 6.75
N THR B 59 -8.68 -27.25 5.83
CA THR B 59 -9.24 -25.91 6.06
C THR B 59 -10.14 -25.87 7.30
N LEU B 60 -11.06 -26.83 7.43
CA LEU B 60 -11.96 -26.84 8.58
C LEU B 60 -11.23 -27.08 9.92
N GLU B 61 -10.21 -27.93 9.91
CA GLU B 61 -9.33 -28.10 11.08
C GLU B 61 -8.54 -26.84 11.43
N GLN B 62 -8.17 -26.05 10.42
CA GLN B 62 -7.54 -24.76 10.67
C GLN B 62 -8.53 -23.83 11.37
N ALA B 63 -9.72 -23.69 10.79
CA ALA B 63 -10.75 -22.81 11.31
C ALA B 63 -11.21 -23.20 12.73
N LYS B 64 -11.47 -24.49 12.95
CA LYS B 64 -11.91 -24.99 14.25
C LYS B 64 -10.86 -24.87 15.35
N LYS B 65 -9.60 -25.18 15.03
CA LYS B 65 -8.51 -25.09 16.00
C LYS B 65 -8.19 -23.65 16.39
N LEU B 66 -8.35 -22.72 15.45
CA LEU B 66 -8.19 -21.29 15.72
C LEU B 66 -9.30 -20.78 16.65
N GLU B 67 -10.54 -21.19 16.38
CA GLU B 67 -11.66 -20.83 17.24
C GLU B 67 -11.38 -21.21 18.69
N LYS B 68 -10.96 -22.46 18.90
CA LYS B 68 -10.69 -23.01 20.24
C LYS B 68 -9.57 -22.27 20.97
N ARG B 69 -8.52 -21.89 20.24
CA ARG B 69 -7.34 -21.27 20.83
C ARG B 69 -7.61 -19.82 21.25
N LEU B 70 -8.37 -19.10 20.41
CA LEU B 70 -8.75 -17.71 20.68
C LEU B 70 -9.54 -17.57 21.98
N ASN B 71 -10.42 -18.54 22.23
CA ASN B 71 -11.23 -18.56 23.45
C ASN B 71 -10.47 -19.12 24.67
N GLU B 72 -9.18 -19.41 24.47
CA GLU B 72 -8.31 -19.93 25.53
C GLU B 72 -7.26 -18.94 26.02
N VAL B 73 -6.70 -18.16 25.09
CA VAL B 73 -5.65 -17.18 25.42
C VAL B 73 -6.23 -15.94 26.12
N GLN B 74 -7.52 -15.68 25.88
CA GLN B 74 -8.21 -14.53 26.46
C GLN B 74 -9.63 -14.84 26.92
N ASP B 75 -10.08 -14.12 27.95
CA ASP B 75 -11.43 -14.28 28.50
C ASP B 75 -12.26 -13.01 28.32
N GLU B 76 -11.75 -12.06 27.54
CA GLU B 76 -12.46 -10.80 27.29
C GLU B 76 -13.62 -10.98 26.31
N VAL B 77 -13.37 -11.70 25.22
CA VAL B 77 -14.35 -11.91 24.15
C VAL B 77 -14.63 -13.40 23.90
N GLU B 78 -15.85 -13.68 23.45
CA GLU B 78 -16.24 -15.01 23.02
C GLU B 78 -16.33 -15.05 21.49
N TYR B 79 -15.37 -15.74 20.86
CA TYR B 79 -15.30 -15.86 19.40
C TYR B 79 -16.09 -17.07 18.88
N HIS B 80 -16.91 -16.82 17.86
CA HIS B 80 -17.72 -17.86 17.22
C HIS B 80 -17.35 -17.96 15.74
N MET B 81 -16.80 -19.12 15.34
CA MET B 81 -16.31 -19.32 13.98
C MET B 81 -17.38 -19.73 12.97
N TYR B 82 -17.32 -19.11 11.79
CA TYR B 82 -18.11 -19.52 10.64
C TYR B 82 -17.19 -19.66 9.43
N LEU B 83 -17.30 -20.79 8.73
CA LEU B 83 -16.46 -21.08 7.57
C LEU B 83 -17.15 -20.68 6.27
N GLY B 84 -16.44 -19.91 5.46
CA GLY B 84 -16.99 -19.44 4.19
C GLY B 84 -16.05 -19.73 3.04
N LEU B 85 -16.46 -20.63 2.15
CA LEU B 85 -15.65 -20.98 0.98
C LEU B 85 -16.22 -20.39 -0.31
N LYS B 86 -15.37 -20.21 -1.31
CA LYS B 86 -15.76 -19.60 -2.59
C LYS B 86 -16.46 -20.56 -3.55
N HIS B 87 -15.96 -21.78 -3.69
CA HIS B 87 -16.38 -22.67 -4.78
C HIS B 87 -17.02 -24.00 -4.37
N ILE B 88 -17.30 -24.15 -3.08
CA ILE B 88 -18.03 -25.32 -2.56
C ILE B 88 -18.66 -24.98 -1.20
N GLU B 89 -19.66 -25.75 -0.79
CA GLU B 89 -20.31 -25.56 0.52
C GLU B 89 -19.33 -25.85 1.68
N PRO B 90 -19.41 -25.09 2.80
CA PRO B 90 -20.30 -23.95 3.05
C PRO B 90 -19.81 -22.67 2.36
N PHE B 91 -20.73 -21.99 1.68
CA PHE B 91 -20.40 -20.78 0.93
C PHE B 91 -20.36 -19.55 1.83
N ILE B 92 -19.55 -18.57 1.43
CA ILE B 92 -19.49 -17.27 2.12
C ILE B 92 -20.89 -16.75 2.44
N GLU B 93 -21.77 -16.75 1.42
CA GLU B 93 -23.15 -16.28 1.55
C GLU B 93 -23.87 -16.93 2.73
N ASP B 94 -23.80 -18.25 2.81
CA ASP B 94 -24.43 -19.02 3.89
C ASP B 94 -23.76 -18.74 5.25
N ALA B 95 -22.44 -18.64 5.25
CA ALA B 95 -21.70 -18.27 6.46
C ALA B 95 -22.16 -16.93 7.03
N VAL B 96 -22.34 -15.94 6.16
CA VAL B 96 -22.84 -14.62 6.57
C VAL B 96 -24.32 -14.71 6.95
N LYS B 97 -25.07 -15.54 6.24
CA LYS B 97 -26.49 -15.80 6.52
C LYS B 97 -26.69 -16.43 7.91
N GLU B 98 -25.90 -17.46 8.20
CA GLU B 98 -25.97 -18.16 9.49
C GLU B 98 -25.55 -17.24 10.65
N MET B 99 -24.47 -16.49 10.43
CA MET B 99 -23.93 -15.54 11.40
C MET B 99 -24.99 -14.52 11.86
N HIS B 100 -25.74 -13.98 10.90
CA HIS B 100 -26.80 -12.99 11.15
C HIS B 100 -27.95 -13.51 12.03
N ASN B 101 -28.30 -14.78 11.85
CA ASN B 101 -29.43 -15.37 12.59
C ASN B 101 -29.11 -15.65 14.06
N ASP B 102 -27.84 -15.90 14.34
CA ASP B 102 -27.38 -16.29 15.67
C ASP B 102 -27.23 -15.12 16.66
N GLY B 103 -27.15 -13.90 16.14
CA GLY B 103 -27.03 -12.71 16.98
C GLY B 103 -25.76 -11.89 16.79
N ILE B 104 -24.88 -12.35 15.90
CA ILE B 104 -23.63 -11.65 15.63
C ILE B 104 -23.86 -10.28 14.99
N GLN B 105 -23.40 -9.24 15.66
CA GLN B 105 -23.49 -7.87 15.16
C GLN B 105 -22.13 -7.38 14.65
N ASP B 106 -21.07 -8.07 15.04
CA ASP B 106 -19.71 -7.74 14.62
C ASP B 106 -18.85 -8.98 14.38
N ALA B 107 -18.23 -9.04 13.22
CA ALA B 107 -17.33 -10.16 12.90
C ALA B 107 -15.96 -9.69 12.43
N ILE B 108 -14.95 -10.54 12.65
CA ILE B 108 -13.62 -10.34 12.09
C ILE B 108 -13.43 -11.33 10.93
N ALA B 109 -13.04 -10.82 9.76
CA ALA B 109 -12.85 -11.67 8.59
C ALA B 109 -11.38 -11.99 8.34
N LEU B 110 -11.07 -13.28 8.38
CA LEU B 110 -9.73 -13.78 8.10
C LEU B 110 -9.70 -14.62 6.80
N VAL B 111 -8.84 -14.23 5.88
CA VAL B 111 -8.61 -15.03 4.69
C VAL B 111 -7.40 -15.91 4.91
N LEU B 112 -7.53 -17.19 4.57
CA LEU B 112 -6.42 -18.14 4.69
C LEU B 112 -5.44 -18.05 3.52
N ALA B 113 -4.89 -16.84 3.39
CA ALA B 113 -3.77 -16.52 2.51
C ALA B 113 -3.16 -15.27 3.13
N PRO B 114 -1.82 -15.24 3.27
CA PRO B 114 -1.16 -14.17 4.01
C PRO B 114 -1.08 -12.80 3.31
N HIS B 115 -1.21 -12.79 2.00
CA HIS B 115 -1.00 -11.57 1.20
C HIS B 115 -2.28 -10.90 0.72
N TYR B 116 -2.22 -9.56 0.63
CA TYR B 116 -3.28 -8.76 0.03
C TYR B 116 -3.23 -8.84 -1.49
N SER B 117 -4.40 -9.00 -2.10
CA SER B 117 -4.56 -8.89 -3.54
C SER B 117 -5.99 -8.45 -3.85
N THR B 118 -6.18 -7.68 -4.92
CA THR B 118 -7.51 -7.24 -5.33
C THR B 118 -8.44 -8.43 -5.54
N PHE B 119 -7.93 -9.46 -6.19
CA PHE B 119 -8.61 -10.75 -6.35
C PHE B 119 -9.06 -11.35 -5.01
N SER B 120 -8.21 -11.29 -3.99
CA SER B 120 -8.56 -11.79 -2.65
C SER B 120 -9.68 -10.96 -2.02
N VAL B 121 -9.53 -9.64 -2.09
CA VAL B 121 -10.51 -8.72 -1.49
C VAL B 121 -11.88 -8.86 -2.15
N LYS B 122 -11.92 -8.87 -3.48
CA LYS B 122 -13.18 -9.06 -4.20
C LYS B 122 -13.81 -10.42 -3.93
N SER B 123 -12.97 -11.46 -3.85
CA SER B 123 -13.44 -12.83 -3.64
C SER B 123 -14.00 -13.05 -2.25
N TYR B 124 -13.32 -12.54 -1.24
CA TYR B 124 -13.58 -12.93 0.15
C TYR B 124 -14.26 -11.86 1.02
N VAL B 125 -13.48 -10.93 1.55
CA VAL B 125 -14.02 -9.87 2.44
C VAL B 125 -15.09 -9.02 1.73
N GLY B 126 -14.84 -8.67 0.47
CA GLY B 126 -15.76 -7.86 -0.32
C GLY B 126 -17.09 -8.55 -0.61
N ARG B 127 -17.02 -9.86 -0.84
CA ARG B 127 -18.22 -10.67 -1.06
C ARG B 127 -19.04 -10.75 0.22
N ALA B 128 -18.37 -11.07 1.33
CA ALA B 128 -18.99 -11.18 2.64
C ALA B 128 -19.63 -9.87 3.07
N GLN B 129 -18.92 -8.75 2.87
CA GLN B 129 -19.42 -7.42 3.19
C GLN B 129 -20.62 -7.02 2.36
N GLU B 130 -20.74 -7.60 1.16
CA GLU B 130 -21.88 -7.35 0.28
C GLU B 130 -23.11 -8.17 0.68
N GLU B 131 -22.90 -9.39 1.15
CA GLU B 131 -24.00 -10.21 1.67
C GLU B 131 -24.50 -9.64 3.01
N ALA B 132 -23.59 -9.05 3.77
CA ALA B 132 -23.92 -8.43 5.05
C ALA B 132 -24.68 -7.12 4.90
N GLU B 133 -24.50 -6.44 3.76
CA GLU B 133 -25.20 -5.17 3.49
C GLU B 133 -26.68 -5.41 3.14
N LYS B 134 -26.96 -6.54 2.50
CA LYS B 134 -28.32 -6.96 2.15
C LYS B 134 -29.14 -7.27 3.39
N LEU B 135 -28.50 -7.86 4.39
CA LEU B 135 -29.19 -8.29 5.61
C LEU B 135 -29.30 -7.17 6.64
N GLY B 136 -28.29 -6.30 6.68
CA GLY B 136 -28.29 -5.15 7.56
C GLY B 136 -27.96 -5.50 9.00
N ASN B 137 -27.46 -4.50 9.74
CA ASN B 137 -27.14 -4.62 11.17
C ASN B 137 -26.05 -5.65 11.48
N LEU B 138 -25.04 -5.70 10.62
CA LEU B 138 -23.88 -6.59 10.78
C LEU B 138 -22.65 -6.01 10.07
N THR B 139 -21.62 -5.70 10.84
CA THR B 139 -20.39 -5.14 10.30
C THR B 139 -19.30 -6.22 10.23
N ILE B 140 -18.72 -6.39 9.04
CA ILE B 140 -17.62 -7.32 8.87
C ILE B 140 -16.30 -6.57 8.74
N HIS B 141 -15.36 -6.91 9.63
CA HIS B 141 -14.08 -6.22 9.73
C HIS B 141 -12.99 -7.08 9.14
N GLY B 142 -12.51 -6.69 7.97
CA GLY B 142 -11.59 -7.50 7.21
C GLY B 142 -10.13 -7.26 7.54
N ILE B 143 -9.37 -8.34 7.53
CA ILE B 143 -7.92 -8.30 7.66
C ILE B 143 -7.34 -8.31 6.26
N ASP B 144 -6.62 -7.23 5.93
CA ASP B 144 -6.04 -7.02 4.61
C ASP B 144 -4.94 -8.02 4.30
N SER B 145 -4.06 -8.25 5.27
CA SER B 145 -2.92 -9.17 5.13
C SER B 145 -2.32 -9.46 6.50
N TRP B 146 -1.45 -10.48 6.56
CA TRP B 146 -0.75 -10.83 7.81
C TRP B 146 0.59 -11.50 7.54
N TYR B 147 1.11 -11.30 6.33
CA TYR B 147 2.42 -11.82 5.95
C TYR B 147 3.54 -11.25 6.81
N LYS B 148 3.24 -10.17 7.52
CA LYS B 148 4.18 -9.51 8.41
C LYS B 148 4.14 -10.03 9.85
N GLU B 149 3.15 -10.86 10.18
CA GLU B 149 3.09 -11.46 11.53
C GLU B 149 4.41 -12.15 11.87
N PRO B 150 5.04 -11.76 12.99
CA PRO B 150 6.31 -12.38 13.41
C PRO B 150 6.28 -13.90 13.45
N LYS B 151 5.20 -14.49 13.98
CA LYS B 151 5.09 -15.95 14.11
C LYS B 151 4.85 -16.68 12.77
N PHE B 152 4.43 -15.93 11.75
CA PHE B 152 4.32 -16.45 10.39
C PHE B 152 5.71 -16.53 9.73
N ILE B 153 6.46 -15.44 9.83
CA ILE B 153 7.81 -15.42 9.27
C ILE B 153 8.69 -16.44 9.99
N GLN B 154 8.54 -16.52 11.30
CA GLN B 154 9.27 -17.50 12.10
C GLN B 154 8.92 -18.96 11.75
N TYR B 155 7.67 -19.23 11.39
CA TYR B 155 7.32 -20.60 10.95
C TYR B 155 8.12 -21.00 9.72
N TRP B 156 8.13 -20.13 8.70
CA TRP B 156 8.84 -20.40 7.46
C TRP B 156 10.35 -20.34 7.61
N VAL B 157 10.83 -19.50 8.53
CA VAL B 157 12.25 -19.45 8.86
C VAL B 157 12.73 -20.79 9.42
N ASP B 158 12.03 -21.29 10.45
CA ASP B 158 12.39 -22.58 11.08
C ASP B 158 12.24 -23.78 10.15
N ALA B 159 11.21 -23.75 9.30
CA ALA B 159 11.00 -24.81 8.31
C ALA B 159 12.16 -24.89 7.32
N VAL B 160 12.60 -23.73 6.84
CA VAL B 160 13.69 -23.62 5.88
C VAL B 160 15.04 -23.87 6.55
N LYS B 161 15.17 -23.45 7.81
CA LYS B 161 16.36 -23.76 8.62
C LYS B 161 16.57 -25.28 8.80
N SER B 162 15.47 -26.03 8.90
CA SER B 162 15.53 -27.49 9.09
C SER B 162 15.84 -28.28 7.82
N ILE B 163 16.00 -27.57 6.70
CA ILE B 163 16.44 -28.19 5.44
C ILE B 163 17.90 -27.81 5.19
N TYR B 164 18.22 -26.54 5.41
CA TYR B 164 19.56 -26.02 5.17
C TYR B 164 20.59 -26.48 6.22
N SER B 165 20.11 -26.85 7.40
CA SER B 165 20.98 -27.37 8.47
C SER B 165 21.46 -28.77 8.17
N GLY B 166 20.59 -29.58 7.56
CA GLY B 166 20.94 -30.93 7.12
C GLY B 166 21.99 -30.92 6.02
N MET B 167 21.99 -29.85 5.22
CA MET B 167 22.95 -29.66 4.14
C MET B 167 24.35 -29.39 4.67
N SER B 168 25.34 -29.94 3.99
CA SER B 168 26.74 -29.61 4.26
C SER B 168 27.05 -28.25 3.61
N ASP B 169 28.28 -27.77 3.82
CA ASP B 169 28.73 -26.52 3.20
C ASP B 169 28.87 -26.68 1.68
N ALA B 170 29.23 -27.89 1.26
CA ALA B 170 29.38 -28.22 -0.16
C ALA B 170 28.07 -28.14 -0.95
N GLU B 171 27.01 -28.77 -0.42
CA GLU B 171 25.71 -28.78 -1.09
C GLU B 171 25.02 -27.41 -1.03
N ARG B 172 25.17 -26.73 0.10
CA ARG B 172 24.57 -25.42 0.32
C ARG B 172 25.05 -24.35 -0.67
N GLU B 173 26.28 -24.52 -1.17
CA GLU B 173 26.85 -23.60 -2.15
C GLU B 173 26.11 -23.63 -3.49
N LYS B 174 25.48 -24.76 -3.79
CA LYS B 174 24.74 -24.93 -5.04
C LYS B 174 23.22 -24.86 -4.82
N ALA B 175 22.83 -24.19 -3.74
CA ALA B 175 21.43 -24.11 -3.35
C ALA B 175 20.81 -22.73 -3.60
N VAL B 176 19.50 -22.73 -3.83
CA VAL B 176 18.71 -21.50 -3.97
C VAL B 176 17.28 -21.73 -3.46
N LEU B 177 16.79 -20.79 -2.67
CA LEU B 177 15.43 -20.84 -2.14
C LEU B 177 14.45 -20.17 -3.11
N ILE B 178 13.39 -20.89 -3.48
CA ILE B 178 12.33 -20.32 -4.31
C ILE B 178 11.11 -19.97 -3.46
N VAL B 179 10.91 -18.68 -3.22
CA VAL B 179 9.73 -18.20 -2.50
C VAL B 179 8.62 -17.90 -3.51
N SER B 180 7.48 -18.57 -3.38
CA SER B 180 6.41 -18.50 -4.39
C SER B 180 4.97 -18.32 -3.86
N ALA B 181 4.09 -17.90 -4.78
CA ALA B 181 2.66 -17.75 -4.51
C ALA B 181 1.85 -17.92 -5.80
N HIS B 182 0.53 -18.06 -5.66
CA HIS B 182 -0.38 -18.18 -6.82
C HIS B 182 -0.23 -16.94 -7.70
N SER B 183 -0.09 -17.17 -9.01
CA SER B 183 0.02 -16.08 -9.98
C SER B 183 -1.33 -15.43 -10.21
N LEU B 184 -1.28 -14.16 -10.58
CA LEU B 184 -2.47 -13.40 -10.99
C LEU B 184 -2.17 -12.70 -12.32
N PRO B 185 -3.23 -12.31 -13.06
CA PRO B 185 -3.04 -11.52 -14.28
C PRO B 185 -2.24 -10.25 -14.03
N GLU B 186 -1.30 -9.95 -14.91
CA GLU B 186 -0.40 -8.79 -14.75
C GLU B 186 -1.09 -7.44 -14.74
N LYS B 187 -2.39 -7.42 -15.04
CA LYS B 187 -3.17 -6.18 -15.11
C LYS B 187 -3.39 -5.51 -13.75
N ILE B 188 -3.08 -6.24 -12.67
CA ILE B 188 -3.21 -5.72 -11.31
C ILE B 188 -2.08 -4.75 -10.93
N ILE B 189 -0.93 -4.88 -11.58
CA ILE B 189 0.24 -4.03 -11.34
C ILE B 189 -0.05 -2.57 -11.67
N ALA B 190 -0.61 -2.34 -12.86
CA ALA B 190 -1.00 -1.01 -13.30
C ALA B 190 -2.16 -0.48 -12.47
N MET B 191 -3.00 -1.39 -11.97
CA MET B 191 -4.12 -1.03 -11.09
C MET B 191 -3.66 -0.54 -9.71
N GLY B 192 -2.46 -0.96 -9.29
CA GLY B 192 -1.90 -0.55 -8.01
C GLY B 192 -1.90 -1.64 -6.95
N ASP B 193 -2.18 -2.88 -7.36
CA ASP B 193 -2.16 -4.02 -6.45
C ASP B 193 -0.73 -4.29 -5.97
N PRO B 194 -0.50 -4.23 -4.64
CA PRO B 194 0.83 -4.42 -4.04
C PRO B 194 1.20 -5.89 -3.81
N TYR B 195 0.37 -6.80 -4.30
CA TYR B 195 0.55 -8.24 -4.10
C TYR B 195 1.99 -8.74 -4.34
N PRO B 196 2.58 -8.46 -5.53
CA PRO B 196 3.95 -8.95 -5.79
C PRO B 196 5.02 -8.31 -4.90
N ASP B 197 4.79 -7.08 -4.46
CA ASP B 197 5.73 -6.37 -3.59
C ASP B 197 5.75 -7.01 -2.20
N GLN B 198 4.57 -7.44 -1.74
CA GLN B 198 4.43 -8.12 -0.46
C GLN B 198 5.07 -9.51 -0.48
N LEU B 199 5.10 -10.14 -1.65
CA LEU B 199 5.77 -11.42 -1.80
C LEU B 199 7.28 -11.24 -1.77
N ASN B 200 7.75 -10.12 -2.33
CA ASN B 200 9.15 -9.75 -2.25
C ASN B 200 9.58 -9.46 -0.82
N GLU B 201 8.69 -8.80 -0.07
CA GLU B 201 8.92 -8.49 1.35
C GLU B 201 9.01 -9.76 2.20
N THR B 202 8.15 -10.72 1.90
CA THR B 202 8.09 -11.99 2.61
C THR B 202 9.34 -12.82 2.33
N ALA B 203 9.75 -12.88 1.07
CA ALA B 203 11.00 -13.54 0.69
C ALA B 203 12.21 -12.95 1.40
N ASP B 204 12.27 -11.61 1.49
CA ASP B 204 13.34 -10.91 2.22
C ASP B 204 13.37 -11.25 3.71
N TYR B 205 12.19 -11.35 4.32
CA TYR B 205 12.09 -11.68 5.74
C TYR B 205 12.56 -13.10 6.08
N ILE B 206 12.23 -14.07 5.23
CA ILE B 206 12.57 -15.47 5.47
C ILE B 206 14.05 -15.74 5.19
N ALA B 207 14.52 -15.29 4.02
CA ALA B 207 15.90 -15.52 3.57
C ALA B 207 16.96 -14.85 4.46
N ARG B 208 16.52 -13.94 5.32
CA ARG B 208 17.44 -13.25 6.23
C ARG B 208 17.35 -13.81 7.64
N GLY B 209 16.15 -14.20 8.05
CA GLY B 209 15.94 -14.87 9.33
C GLY B 209 16.61 -16.23 9.38
N ALA B 210 16.55 -16.94 8.25
CA ALA B 210 17.16 -18.25 8.10
C ALA B 210 18.62 -18.16 7.66
N GLU B 211 19.04 -16.96 7.27
CA GLU B 211 20.39 -16.69 6.76
C GLU B 211 20.75 -17.58 5.56
N VAL B 212 19.97 -17.44 4.49
CA VAL B 212 20.22 -18.10 3.20
C VAL B 212 20.83 -17.07 2.26
N ALA B 213 21.89 -17.45 1.55
CA ALA B 213 22.60 -16.52 0.66
C ALA B 213 21.85 -16.30 -0.66
N ASN B 214 21.59 -17.44 -1.39
CA ASN B 214 20.95 -17.35 -2.69
C ASN B 214 19.44 -17.63 -2.61
N TYR B 215 18.63 -16.65 -3.02
CA TYR B 215 17.17 -16.79 -3.05
C TYR B 215 16.54 -16.05 -4.23
N ALA B 216 15.41 -16.59 -4.72
CA ALA B 216 14.68 -16.02 -5.85
C ALA B 216 13.16 -16.10 -5.65
N VAL B 217 12.44 -15.19 -6.30
CA VAL B 217 10.97 -15.17 -6.23
C VAL B 217 10.38 -15.67 -7.53
N GLY B 218 9.38 -16.55 -7.42
CA GLY B 218 8.70 -17.13 -8.57
C GLY B 218 7.20 -17.21 -8.37
N TRP B 219 6.49 -17.60 -9.42
CA TRP B 219 5.03 -17.66 -9.40
C TRP B 219 4.54 -19.01 -9.88
N GLN B 220 3.38 -19.44 -9.40
CA GLN B 220 2.86 -20.75 -9.80
C GLN B 220 1.34 -20.77 -9.96
N SER B 221 0.87 -21.74 -10.74
CA SER B 221 -0.57 -22.01 -10.94
C SER B 221 -1.28 -20.96 -11.81
N ALA B 222 -0.56 -20.39 -12.77
CA ALA B 222 -1.14 -19.40 -13.67
C ALA B 222 -2.25 -20.05 -14.52
N GLY B 223 -3.41 -19.38 -14.57
CA GLY B 223 -4.57 -19.88 -15.30
C GLY B 223 -4.41 -19.85 -16.81
N ASN B 224 -5.48 -20.22 -17.52
CA ASN B 224 -5.45 -20.36 -18.98
C ASN B 224 -6.23 -19.23 -19.68
N THR B 225 -5.66 -18.03 -19.67
CA THR B 225 -6.28 -16.85 -20.30
C THR B 225 -5.33 -16.21 -21.31
N PRO B 226 -5.86 -15.36 -22.22
CA PRO B 226 -5.00 -14.74 -23.24
C PRO B 226 -4.13 -13.60 -22.70
N ASP B 227 -4.57 -12.94 -21.64
CA ASP B 227 -3.79 -11.88 -20.99
C ASP B 227 -2.65 -12.49 -20.17
N PRO B 228 -1.48 -11.83 -20.15
CA PRO B 228 -0.32 -12.36 -19.44
C PRO B 228 -0.52 -12.40 -17.92
N TRP B 229 -0.11 -13.51 -17.32
CA TRP B 229 -0.10 -13.70 -15.87
C TRP B 229 1.30 -13.40 -15.34
N ILE B 230 1.39 -13.02 -14.07
CA ILE B 230 2.68 -12.65 -13.48
C ILE B 230 3.65 -13.83 -13.43
N GLY B 231 4.87 -13.58 -13.90
CA GLY B 231 5.93 -14.58 -13.90
C GLY B 231 7.20 -14.09 -13.23
N PRO B 232 8.29 -14.89 -13.30
CA PRO B 232 8.33 -16.16 -14.02
C PRO B 232 7.74 -17.33 -13.22
N ASP B 233 7.24 -18.33 -13.94
CA ASP B 233 6.68 -19.52 -13.32
C ASP B 233 7.80 -20.33 -12.65
N VAL B 234 7.44 -21.07 -11.60
CA VAL B 234 8.38 -21.92 -10.86
C VAL B 234 9.19 -22.85 -11.77
N GLN B 235 8.52 -23.47 -12.74
CA GLN B 235 9.14 -24.38 -13.70
C GLN B 235 10.21 -23.67 -14.53
N ASP B 236 9.84 -22.54 -15.14
CA ASP B 236 10.76 -21.77 -15.98
C ASP B 236 11.96 -21.25 -15.17
N LEU B 237 11.68 -20.71 -13.98
CA LEU B 237 12.71 -20.16 -13.10
C LEU B 237 13.76 -21.20 -12.70
N THR B 238 13.34 -22.44 -12.51
CA THR B 238 14.24 -23.53 -12.14
C THR B 238 15.28 -23.81 -13.25
N ARG B 239 14.82 -23.99 -14.48
CA ARG B 239 15.71 -24.22 -15.62
C ARG B 239 16.66 -23.03 -15.85
N GLU B 240 16.13 -21.83 -15.67
CA GLU B 240 16.88 -20.58 -15.86
C GLU B 240 18.00 -20.39 -14.84
N LEU B 241 17.68 -20.67 -13.57
CA LEU B 241 18.69 -20.62 -12.50
C LEU B 241 19.69 -21.77 -12.62
N ASN B 242 19.31 -22.82 -13.34
CA ASN B 242 20.19 -23.93 -13.66
C ASN B 242 21.06 -23.64 -14.88
N GLU B 243 20.55 -22.79 -15.78
CA GLU B 243 21.27 -22.38 -16.97
C GLU B 243 22.25 -21.23 -16.69
N LYS B 244 21.77 -20.22 -15.97
CA LYS B 244 22.57 -19.02 -15.67
C LYS B 244 23.58 -19.25 -14.56
N TYR B 245 23.11 -19.74 -13.41
CA TYR B 245 23.95 -19.94 -12.23
C TYR B 245 24.36 -21.38 -11.99
N GLY B 246 23.51 -22.32 -12.40
CA GLY B 246 23.83 -23.75 -12.26
C GLY B 246 23.70 -24.27 -10.84
N TYR B 247 22.50 -24.14 -10.28
CA TYR B 247 22.18 -24.66 -8.96
C TYR B 247 21.81 -26.13 -9.05
N THR B 248 22.24 -26.91 -8.05
CA THR B 248 21.99 -28.35 -8.02
C THR B 248 21.03 -28.74 -6.89
N SER B 249 20.66 -27.76 -6.08
CA SER B 249 19.66 -27.96 -5.03
C SER B 249 18.63 -26.82 -5.00
N PHE B 250 17.36 -27.19 -5.16
CA PHE B 250 16.28 -26.21 -5.18
C PHE B 250 15.32 -26.48 -4.03
N VAL B 251 15.12 -25.46 -3.19
CA VAL B 251 14.23 -25.58 -2.04
C VAL B 251 13.03 -24.65 -2.23
N TYR B 252 11.83 -25.23 -2.22
CA TYR B 252 10.62 -24.50 -2.56
C TYR B 252 9.78 -24.14 -1.34
N ALA B 253 9.48 -22.85 -1.20
CA ALA B 253 8.58 -22.36 -0.16
C ALA B 253 7.38 -21.66 -0.80
N PRO B 254 6.29 -22.39 -1.06
CA PRO B 254 5.04 -21.82 -1.60
C PRO B 254 4.31 -21.02 -0.52
N VAL B 255 4.95 -19.91 -0.15
CA VAL B 255 4.59 -19.09 0.99
C VAL B 255 3.21 -18.43 0.86
N GLY B 256 2.71 -18.34 -0.36
CA GLY B 256 1.39 -17.78 -0.61
C GLY B 256 0.29 -18.73 -0.17
N PHE B 257 0.64 -20.01 -0.07
CA PHE B 257 -0.25 -21.09 0.34
C PHE B 257 -0.04 -21.53 1.80
N VAL B 258 -1.13 -21.98 2.44
CA VAL B 258 -1.08 -22.37 3.87
C VAL B 258 -1.36 -23.85 4.15
N ALA B 259 -1.55 -24.62 3.07
CA ALA B 259 -1.86 -26.04 3.20
C ALA B 259 -1.46 -26.84 1.97
N GLU B 260 -1.39 -28.15 2.16
CA GLU B 260 -1.11 -29.11 1.10
C GLU B 260 -2.39 -29.43 0.35
N HIS B 261 -2.72 -28.57 -0.61
CA HIS B 261 -3.82 -28.79 -1.54
C HIS B 261 -3.24 -29.17 -2.90
N LEU B 262 -4.07 -29.16 -3.94
CA LEU B 262 -3.64 -29.52 -5.31
C LEU B 262 -2.49 -28.65 -5.86
N GLU B 263 -2.49 -27.35 -5.54
CA GLU B 263 -1.47 -26.44 -6.06
C GLU B 263 -0.07 -26.68 -5.49
N VAL B 264 0.02 -27.15 -4.25
CA VAL B 264 1.33 -27.52 -3.70
C VAL B 264 1.73 -28.96 -4.07
N LEU B 265 0.81 -29.91 -3.89
CA LEU B 265 1.12 -31.33 -4.08
C LEU B 265 1.33 -31.70 -5.54
N TYR B 266 0.77 -30.91 -6.44
CA TYR B 266 0.98 -31.14 -7.85
C TYR B 266 1.95 -30.10 -8.43
N ASP B 267 1.59 -28.82 -8.34
CA ASP B 267 2.38 -27.77 -8.99
C ASP B 267 3.81 -27.66 -8.46
N ASN B 268 4.03 -28.16 -7.24
CA ASN B 268 5.37 -28.26 -6.68
C ASN B 268 5.91 -29.70 -6.66
N ASP B 269 5.29 -30.54 -5.84
CA ASP B 269 5.77 -31.92 -5.62
C ASP B 269 5.74 -32.82 -6.85
N PHE B 270 4.87 -32.50 -7.81
CA PHE B 270 4.83 -33.23 -9.08
C PHE B 270 5.57 -32.49 -10.18
N GLU B 271 5.10 -31.29 -10.54
CA GLU B 271 5.64 -30.53 -11.68
C GLU B 271 7.07 -29.98 -11.51
N CYS B 272 7.37 -29.43 -10.32
CA CYS B 272 8.70 -28.87 -10.06
C CYS B 272 9.77 -29.94 -9.90
N LYS B 273 9.36 -31.08 -9.34
CA LYS B 273 10.23 -32.25 -9.18
C LYS B 273 10.58 -32.86 -10.53
N VAL B 274 9.65 -32.77 -11.48
CA VAL B 274 9.93 -33.18 -12.87
C VAL B 274 11.05 -32.32 -13.47
N VAL B 275 10.97 -31.01 -13.24
CA VAL B 275 11.96 -30.06 -13.75
C VAL B 275 13.37 -30.36 -13.22
N THR B 276 13.51 -30.49 -11.90
CA THR B 276 14.81 -30.77 -11.28
C THR B 276 15.40 -32.13 -11.71
N ASP B 277 14.52 -33.12 -11.91
CA ASP B 277 14.92 -34.44 -12.42
C ASP B 277 15.48 -34.36 -13.84
N GLU B 278 14.95 -33.44 -14.64
CA GLU B 278 15.39 -33.24 -16.02
C GLU B 278 16.79 -32.60 -16.12
N ILE B 279 17.17 -31.87 -15.07
CA ILE B 279 18.45 -31.16 -15.04
C ILE B 279 19.45 -31.72 -14.01
N GLY B 280 19.06 -32.81 -13.35
CA GLY B 280 19.94 -33.50 -12.38
C GLY B 280 20.13 -32.76 -11.08
N ALA B 281 19.06 -32.13 -10.59
CA ALA B 281 19.09 -31.35 -9.36
C ALA B 281 18.32 -32.05 -8.24
N LYS B 282 18.46 -31.54 -7.02
CA LYS B 282 17.77 -32.11 -5.86
C LYS B 282 16.60 -31.23 -5.41
N TYR B 283 15.50 -31.89 -5.03
CA TYR B 283 14.24 -31.23 -4.69
C TYR B 283 13.97 -31.22 -3.19
N TYR B 284 13.63 -30.04 -2.67
CA TYR B 284 13.24 -29.90 -1.26
C TYR B 284 11.99 -29.03 -1.10
N ARG B 285 11.00 -29.57 -0.38
CA ARG B 285 9.86 -28.78 0.07
C ARG B 285 9.53 -29.11 1.53
N PRO B 286 9.63 -28.10 2.42
CA PRO B 286 9.23 -28.26 3.82
C PRO B 286 7.72 -28.42 4.00
N GLU B 287 7.32 -29.10 5.05
CA GLU B 287 5.91 -29.22 5.43
C GLU B 287 5.25 -27.84 5.34
N MET B 288 4.05 -27.81 4.75
CA MET B 288 3.23 -26.62 4.77
C MET B 288 2.74 -26.44 6.22
N PRO B 289 2.30 -25.23 6.59
CA PRO B 289 1.77 -24.96 7.93
C PRO B 289 0.59 -25.86 8.32
N ASN B 290 -0.35 -26.05 7.39
CA ASN B 290 -1.55 -26.84 7.60
C ASN B 290 -2.32 -26.39 8.84
N ALA B 291 -2.61 -27.30 9.77
CA ALA B 291 -3.27 -26.95 11.03
C ALA B 291 -2.37 -27.21 12.24
N SER B 292 -1.06 -27.14 12.02
CA SER B 292 -0.09 -27.34 13.08
C SER B 292 -0.22 -26.22 14.09
N ASP B 293 -0.14 -26.57 15.37
CA ASP B 293 -0.39 -25.65 16.48
C ASP B 293 0.34 -24.32 16.42
N ALA B 294 1.59 -24.34 15.95
CA ALA B 294 2.41 -23.12 15.84
C ALA B 294 1.83 -22.13 14.84
N PHE B 295 1.10 -22.65 13.84
CA PHE B 295 0.45 -21.84 12.83
C PHE B 295 -0.91 -21.32 13.31
N ILE B 296 -1.59 -22.13 14.12
CA ILE B 296 -2.82 -21.73 14.76
C ILE B 296 -2.53 -20.64 15.81
N ASP B 297 -1.38 -20.76 16.47
CA ASP B 297 -0.87 -19.76 17.41
C ASP B 297 -0.58 -18.45 16.67
N CYS B 298 -0.06 -18.57 15.45
CA CYS B 298 0.18 -17.41 14.60
C CYS B 298 -1.12 -16.69 14.23
N LEU B 299 -2.14 -17.45 13.84
CA LEU B 299 -3.42 -16.89 13.44
C LEU B 299 -4.15 -16.23 14.60
N THR B 300 -3.98 -16.81 15.80
CA THR B 300 -4.53 -16.29 17.05
C THR B 300 -4.05 -14.86 17.26
N ASP B 301 -2.76 -14.63 17.02
CA ASP B 301 -2.14 -13.31 17.15
C ASP B 301 -2.68 -12.30 16.14
N VAL B 302 -2.92 -12.73 14.91
CA VAL B 302 -3.48 -11.81 13.90
C VAL B 302 -4.93 -11.41 14.19
N VAL B 303 -5.71 -12.34 14.76
CA VAL B 303 -7.09 -12.04 15.14
C VAL B 303 -7.15 -11.08 16.33
N VAL B 304 -6.40 -11.36 17.40
CA VAL B 304 -6.33 -10.48 18.57
C VAL B 304 -5.83 -9.07 18.20
N LYS B 305 -4.77 -9.00 17.41
CA LYS B 305 -4.27 -7.71 16.91
C LYS B 305 -5.38 -6.89 16.24
N LYS B 306 -6.16 -7.56 15.40
CA LYS B 306 -7.25 -6.93 14.65
C LYS B 306 -8.37 -6.41 15.56
N LYS B 307 -8.81 -7.24 16.50
CA LYS B 307 -9.87 -6.86 17.46
C LYS B 307 -9.51 -5.66 18.32
N GLU B 308 -8.22 -5.55 18.67
CA GLU B 308 -7.73 -4.47 19.52
C GLU B 308 -7.61 -3.15 18.75
N SER B 309 -7.49 -3.26 17.42
CA SER B 309 -7.46 -2.12 16.52
C SER B 309 -8.86 -1.56 16.23
N VAL B 310 -9.88 -2.40 16.42
CA VAL B 310 -11.25 -2.05 16.05
C VAL B 310 -12.05 -1.52 17.24
N MET B 311 -11.93 -2.21 18.38
CA MET B 311 -12.74 -1.93 19.57
C MET B 311 -14.22 -2.19 19.25
#